data_5DRO
#
_entry.id   5DRO
#
_cell.length_a   54.820
_cell.length_b   74.680
_cell.length_c   135.870
_cell.angle_alpha   90.000
_cell.angle_beta   90.000
_cell.angle_gamma   90.000
#
_symmetry.space_group_name_H-M   'P 21 21 21'
#
loop_
_entity.id
_entity.type
_entity.pdbx_description
1 polymer 'UDP-3-O-[3-hydroxymyristoyl] N-acetylglucosamine deacetylase'
2 non-polymer 'ZINC ION'
3 non-polymer 4-[4-(4-aminophenyl)buta-1,3-diyn-1-yl]-N-[(2S,3R)-3-hydroxy-1-(hydroxyamino)-1-oxobutan-2-yl]benzamide
4 non-polymer 'DIMETHYL SULFOXIDE'
5 non-polymer 'ACETATE ION'
6 water water
#
_entity_poly.entity_id   1
_entity_poly.type   'polypeptide(L)'
_entity_poly.pdbx_seq_one_letter_code
;MGLEKTVKEKLSFEGVGIHTGEYSKLIIHPEKEGTGIRFFKNGVYIPARHEFVVHTNHSTDLGFKGQRIKTVEHILSVLH
LLEITNVTIEVIGNEIPILDGSGWEFYEAIRKNILNQNREIDYFVVEEPIIVEDEGRLIKAEPSDTLEVTYEGEFKNFLG
RQKFTFVEGNEEEIVLARTFAFDWEIEHIKKVGLGKGGSLKNTLVLGKDKVYNPEGLRYENEPVRHKVFDLIGDLYLLGS
PVKGKFYSFRGGHSLNVKLVKELAKKQKLTRDLP
;
_entity_poly.pdbx_strand_id   A,B
#
# COMPACT_ATOMS: atom_id res chain seq x y z
N GLY A 2 -16.52 -21.17 -21.94
CA GLY A 2 -16.93 -21.09 -20.55
C GLY A 2 -17.79 -19.88 -20.27
N LEU A 3 -18.39 -19.84 -19.09
CA LEU A 3 -19.21 -18.70 -18.69
C LEU A 3 -18.34 -17.63 -18.05
N GLU A 4 -18.78 -16.37 -18.16
CA GLU A 4 -18.11 -15.29 -17.47
C GLU A 4 -18.15 -15.54 -15.96
N LYS A 5 -17.10 -15.10 -15.26
CA LYS A 5 -16.99 -15.38 -13.84
C LYS A 5 -16.55 -14.15 -13.05
N THR A 6 -17.03 -14.07 -11.80
CA THR A 6 -16.59 -13.06 -10.85
C THR A 6 -16.33 -13.75 -9.52
N VAL A 7 -16.14 -12.97 -8.47
CA VAL A 7 -15.99 -13.54 -7.13
C VAL A 7 -17.27 -13.33 -6.33
N LYS A 8 -17.59 -14.28 -5.45
CA LYS A 8 -18.88 -14.24 -4.77
C LYS A 8 -18.89 -13.28 -3.59
N GLU A 9 -17.72 -12.73 -3.27
CA GLU A 9 -17.60 -11.72 -2.22
C GLU A 9 -16.25 -11.01 -2.32
N LYS A 10 -16.09 -9.95 -1.54
CA LYS A 10 -14.84 -9.18 -1.54
C LYS A 10 -13.70 -10.00 -0.92
N LEU A 11 -12.59 -10.10 -1.65
CA LEU A 11 -11.42 -10.85 -1.19
C LEU A 11 -10.29 -9.91 -0.82
N SER A 12 -9.70 -10.11 0.35
CA SER A 12 -8.68 -9.19 0.86
C SER A 12 -7.29 -9.80 0.92
N PHE A 13 -6.30 -9.02 0.50
CA PHE A 13 -4.89 -9.42 0.53
C PHE A 13 -4.03 -8.22 0.92
N GLU A 14 -2.91 -8.48 1.58
CA GLU A 14 -2.00 -7.39 1.94
C GLU A 14 -0.57 -7.88 2.11
N GLY A 15 0.37 -6.95 1.94
CA GLY A 15 1.79 -7.25 2.03
C GLY A 15 2.59 -6.22 1.26
N VAL A 16 3.91 -6.26 1.41
CA VAL A 16 4.78 -5.33 0.70
C VAL A 16 4.86 -5.70 -0.77
N GLY A 17 5.13 -4.70 -1.61
CA GLY A 17 5.40 -4.93 -3.01
C GLY A 17 6.86 -5.29 -3.17
N ILE A 18 7.17 -6.15 -4.13
CA ILE A 18 8.53 -6.66 -4.28
C ILE A 18 9.52 -5.54 -4.62
N HIS A 19 9.09 -4.58 -5.44
CA HIS A 19 10.02 -3.56 -5.92
C HIS A 19 9.99 -2.28 -5.09
N THR A 20 8.81 -1.82 -4.72
CA THR A 20 8.69 -0.59 -3.94
C THR A 20 9.04 -0.83 -2.47
N GLY A 21 8.88 -2.07 -2.03
CA GLY A 21 9.10 -2.41 -0.64
C GLY A 21 8.10 -1.72 0.27
N GLU A 22 6.96 -1.34 -0.31
CA GLU A 22 5.94 -0.61 0.42
C GLU A 22 4.68 -1.45 0.58
N TYR A 23 4.07 -1.35 1.75
CA TYR A 23 2.88 -2.12 2.09
C TYR A 23 1.69 -1.71 1.23
N SER A 24 0.92 -2.70 0.77
CA SER A 24 -0.30 -2.42 0.03
C SER A 24 -1.48 -3.20 0.59
N LYS A 25 -2.64 -2.55 0.60
CA LYS A 25 -3.90 -3.23 0.87
C LYS A 25 -4.60 -3.49 -0.46
N LEU A 26 -5.00 -4.74 -0.68
CA LEU A 26 -5.66 -5.11 -1.93
C LEU A 26 -7.02 -5.74 -1.67
N ILE A 27 -8.03 -5.28 -2.40
CA ILE A 27 -9.37 -5.83 -2.28
C ILE A 27 -9.93 -6.16 -3.65
N ILE A 28 -10.37 -7.40 -3.83
CA ILE A 28 -10.97 -7.83 -5.09
C ILE A 28 -12.50 -7.78 -4.98
N HIS A 29 -13.11 -6.92 -5.77
CA HIS A 29 -14.55 -6.70 -5.72
C HIS A 29 -15.30 -7.45 -6.82
N PRO A 30 -16.48 -8.00 -6.48
CA PRO A 30 -17.38 -8.59 -7.49
C PRO A 30 -17.87 -7.55 -8.49
N GLU A 31 -18.07 -7.96 -9.74
CA GLU A 31 -18.63 -7.08 -10.76
C GLU A 31 -19.59 -7.86 -11.65
N LYS A 32 -20.50 -7.15 -12.30
N LYS A 32 -20.50 -7.15 -12.30
CA LYS A 32 -21.49 -7.79 -13.16
CA LYS A 32 -21.49 -7.78 -13.17
C LYS A 32 -20.88 -8.18 -14.51
C LYS A 32 -20.88 -8.18 -14.51
N GLU A 33 -21.68 -8.88 -15.32
CA GLU A 33 -21.23 -9.33 -16.64
C GLU A 33 -20.84 -8.17 -17.55
N GLY A 34 -19.82 -8.39 -18.38
CA GLY A 34 -19.39 -7.41 -19.36
C GLY A 34 -18.59 -6.26 -18.78
N THR A 35 -18.12 -6.42 -17.55
CA THR A 35 -17.38 -5.36 -16.87
C THR A 35 -15.89 -5.42 -17.22
N GLY A 36 -15.33 -6.62 -17.23
CA GLY A 36 -13.92 -6.78 -17.53
C GLY A 36 -13.06 -6.71 -16.27
N ILE A 37 -11.76 -6.93 -16.43
CA ILE A 37 -10.83 -6.83 -15.32
C ILE A 37 -10.23 -5.43 -15.27
N ARG A 38 -10.30 -4.79 -14.11
CA ARG A 38 -9.76 -3.45 -13.96
C ARG A 38 -9.27 -3.19 -12.54
N PHE A 39 -8.28 -2.32 -12.43
CA PHE A 39 -7.77 -1.92 -11.12
C PHE A 39 -8.44 -0.62 -10.68
N PHE A 40 -8.39 -0.35 -9.38
CA PHE A 40 -8.97 0.87 -8.84
C PHE A 40 -8.05 1.48 -7.80
N LYS A 41 -7.64 2.72 -8.03
CA LYS A 41 -6.72 3.40 -7.12
C LYS A 41 -6.98 4.91 -7.11
N ASN A 42 -7.23 5.45 -5.91
CA ASN A 42 -7.47 6.86 -5.72
C ASN A 42 -8.57 7.43 -6.62
N GLY A 43 -9.67 6.69 -6.73
CA GLY A 43 -10.82 7.14 -7.50
C GLY A 43 -10.68 6.93 -9.00
N VAL A 44 -9.64 6.22 -9.40
CA VAL A 44 -9.38 6.00 -10.82
C VAL A 44 -9.45 4.52 -11.20
N TYR A 45 -10.24 4.21 -12.22
CA TYR A 45 -10.29 2.86 -12.75
C TYR A 45 -9.21 2.67 -13.81
N ILE A 46 -8.33 1.70 -13.58
CA ILE A 46 -7.28 1.38 -14.54
C ILE A 46 -7.54 0.00 -15.15
N PRO A 47 -8.09 -0.03 -16.38
CA PRO A 47 -8.39 -1.29 -17.05
C PRO A 47 -7.15 -2.15 -17.25
N ALA A 48 -7.27 -3.46 -16.98
CA ALA A 48 -6.16 -4.38 -17.16
C ALA A 48 -5.96 -4.65 -18.66
N ARG A 49 -5.53 -3.63 -19.37
CA ARG A 49 -5.35 -3.70 -20.82
C ARG A 49 -4.03 -3.08 -21.25
N HIS A 50 -3.53 -3.49 -22.41
CA HIS A 50 -2.22 -3.07 -22.89
C HIS A 50 -2.11 -1.56 -23.12
N GLU A 51 -3.23 -0.90 -23.39
CA GLU A 51 -3.22 0.54 -23.64
C GLU A 51 -2.80 1.34 -22.41
N PHE A 52 -2.86 0.71 -21.24
CA PHE A 52 -2.60 1.40 -19.99
C PHE A 52 -1.27 1.00 -19.38
N VAL A 53 -0.46 0.26 -20.14
CA VAL A 53 0.88 -0.10 -19.70
C VAL A 53 1.80 1.12 -19.72
N VAL A 54 2.51 1.35 -18.61
CA VAL A 54 3.39 2.51 -18.52
C VAL A 54 4.87 2.15 -18.31
N HIS A 55 5.14 0.89 -17.99
CA HIS A 55 6.51 0.43 -17.74
C HIS A 55 6.61 -1.09 -17.81
N THR A 56 7.69 -1.60 -18.41
CA THR A 56 7.83 -3.05 -18.60
C THR A 56 9.24 -3.62 -18.43
N ASN A 57 9.91 -3.31 -17.34
CA ASN A 57 11.18 -3.99 -17.05
C ASN A 57 11.26 -4.42 -15.59
N HIS A 58 11.53 -5.71 -15.40
CA HIS A 58 11.49 -6.40 -14.10
C HIS A 58 10.06 -6.54 -13.57
N SER A 59 9.12 -5.83 -14.18
CA SER A 59 7.71 -5.90 -13.82
C SER A 59 6.85 -5.26 -14.90
N THR A 60 5.55 -5.48 -14.83
CA THR A 60 4.61 -4.83 -15.74
C THR A 60 3.76 -3.85 -14.94
N ASP A 61 3.86 -2.57 -15.27
CA ASP A 61 3.16 -1.54 -14.52
C ASP A 61 2.07 -0.85 -15.34
N LEU A 62 0.91 -0.65 -14.73
CA LEU A 62 -0.20 0.03 -15.40
C LEU A 62 -0.38 1.43 -14.85
N GLY A 63 -0.96 2.32 -15.66
CA GLY A 63 -1.17 3.69 -15.23
C GLY A 63 -2.29 4.41 -15.98
N PHE A 64 -2.95 5.34 -15.29
CA PHE A 64 -4.01 6.14 -15.86
C PHE A 64 -4.35 7.34 -14.98
N LYS A 65 -4.42 8.51 -15.59
CA LYS A 65 -4.76 9.76 -14.89
C LYS A 65 -3.84 10.06 -13.71
N GLY A 66 -2.53 9.92 -13.93
CA GLY A 66 -1.55 10.22 -12.90
C GLY A 66 -1.44 9.17 -11.80
N GLN A 67 -2.23 8.11 -11.91
CA GLN A 67 -2.20 7.02 -10.95
C GLN A 67 -1.50 5.81 -11.54
N ARG A 68 -0.61 5.18 -10.76
CA ARG A 68 0.18 4.05 -11.24
C ARG A 68 0.11 2.87 -10.28
N ILE A 69 0.12 1.66 -10.85
CA ILE A 69 0.18 0.44 -10.06
C ILE A 69 1.23 -0.50 -10.62
N LYS A 70 2.24 -0.81 -9.81
CA LYS A 70 3.35 -1.65 -10.28
C LYS A 70 3.10 -3.14 -10.11
N THR A 71 3.71 -3.92 -11.00
CA THR A 71 3.77 -5.38 -10.89
C THR A 71 2.38 -6.03 -10.86
N VAL A 72 1.66 -5.94 -11.97
CA VAL A 72 0.31 -6.46 -12.05
C VAL A 72 0.26 -7.90 -12.59
N GLU A 73 1.40 -8.38 -13.07
CA GLU A 73 1.44 -9.62 -13.86
C GLU A 73 1.02 -10.88 -13.09
N HIS A 74 1.29 -10.91 -11.79
CA HIS A 74 1.05 -12.12 -11.01
C HIS A 74 -0.43 -12.31 -10.70
N ILE A 75 -1.09 -11.26 -10.24
CA ILE A 75 -2.52 -11.37 -9.94
C ILE A 75 -3.31 -11.53 -11.23
N LEU A 76 -2.85 -10.90 -12.31
CA LEU A 76 -3.52 -11.03 -13.61
C LEU A 76 -3.38 -12.45 -14.17
N SER A 77 -2.24 -13.08 -13.91
CA SER A 77 -2.02 -14.46 -14.37
C SER A 77 -3.00 -15.41 -13.71
N VAL A 78 -3.16 -15.26 -12.39
CA VAL A 78 -4.10 -16.07 -11.64
C VAL A 78 -5.52 -15.89 -12.16
N LEU A 79 -5.92 -14.64 -12.37
CA LEU A 79 -7.25 -14.34 -12.90
C LEU A 79 -7.43 -14.95 -14.29
N HIS A 80 -6.36 -14.91 -15.08
CA HIS A 80 -6.39 -15.48 -16.43
C HIS A 80 -6.52 -17.00 -16.38
N LEU A 81 -5.75 -17.63 -15.50
CA LEU A 81 -5.77 -19.08 -15.33
C LEU A 81 -7.13 -19.60 -14.89
N LEU A 82 -7.81 -18.83 -14.04
CA LEU A 82 -9.12 -19.25 -13.54
C LEU A 82 -10.25 -18.69 -14.41
N GLU A 83 -9.87 -17.96 -15.45
CA GLU A 83 -10.82 -17.31 -16.37
C GLU A 83 -11.84 -16.45 -15.62
N ILE A 84 -11.35 -15.72 -14.63
CA ILE A 84 -12.15 -14.68 -13.98
C ILE A 84 -12.18 -13.49 -14.91
N THR A 85 -13.38 -13.04 -15.28
CA THR A 85 -13.49 -12.02 -16.32
C THR A 85 -14.01 -10.68 -15.81
N ASN A 86 -14.69 -10.68 -14.67
CA ASN A 86 -15.32 -9.45 -14.17
C ASN A 86 -15.04 -9.18 -12.69
N VAL A 87 -13.93 -8.49 -12.40
CA VAL A 87 -13.66 -8.01 -11.05
C VAL A 87 -12.98 -6.66 -11.05
N THR A 88 -13.07 -5.97 -9.92
CA THR A 88 -12.32 -4.73 -9.73
C THR A 88 -11.28 -4.94 -8.64
N ILE A 89 -10.01 -4.74 -9.00
CA ILE A 89 -8.91 -4.92 -8.06
C ILE A 89 -8.55 -3.59 -7.42
N GLU A 90 -9.10 -3.33 -6.24
CA GLU A 90 -8.80 -2.09 -5.53
C GLU A 90 -7.46 -2.17 -4.83
N VAL A 91 -6.64 -1.15 -5.01
CA VAL A 91 -5.30 -1.14 -4.42
C VAL A 91 -5.04 0.14 -3.63
N ILE A 92 -4.67 -0.03 -2.37
CA ILE A 92 -4.16 1.09 -1.57
C ILE A 92 -2.66 0.88 -1.42
N GLY A 93 -1.89 1.67 -2.14
CA GLY A 93 -0.45 1.47 -2.22
C GLY A 93 0.02 1.63 -3.66
N ASN A 94 1.30 1.45 -3.89
CA ASN A 94 1.88 1.69 -5.20
C ASN A 94 2.13 0.42 -6.01
N GLU A 95 1.89 -0.74 -5.40
CA GLU A 95 2.26 -2.00 -6.02
C GLU A 95 1.41 -3.16 -5.50
N ILE A 96 1.12 -4.12 -6.36
CA ILE A 96 0.47 -5.36 -5.93
C ILE A 96 1.37 -6.09 -4.94
N PRO A 97 0.82 -6.57 -3.83
CA PRO A 97 1.60 -7.35 -2.86
C PRO A 97 2.25 -8.56 -3.51
N ILE A 98 3.51 -8.85 -3.19
CA ILE A 98 4.21 -9.98 -3.78
C ILE A 98 3.88 -11.27 -3.02
N LEU A 99 3.48 -11.11 -1.77
CA LEU A 99 3.15 -12.23 -0.89
C LEU A 99 4.32 -13.21 -0.80
N ASP A 100 4.10 -14.47 -1.13
CA ASP A 100 5.18 -15.45 -1.02
C ASP A 100 5.97 -15.56 -2.32
N GLY A 101 5.67 -14.69 -3.27
CA GLY A 101 6.40 -14.65 -4.53
C GLY A 101 5.76 -15.46 -5.63
N SER A 102 4.72 -16.20 -5.27
CA SER A 102 3.98 -17.01 -6.24
C SER A 102 2.53 -16.57 -6.29
N GLY A 103 1.72 -17.27 -7.08
CA GLY A 103 0.32 -16.94 -7.20
C GLY A 103 -0.57 -17.74 -6.27
N TRP A 104 0.03 -18.48 -5.35
CA TRP A 104 -0.74 -19.41 -4.50
C TRP A 104 -1.88 -18.75 -3.73
N GLU A 105 -1.57 -17.69 -2.99
CA GLU A 105 -2.57 -17.09 -2.10
C GLU A 105 -3.72 -16.48 -2.90
N PHE A 106 -3.39 -15.81 -3.99
CA PHE A 106 -4.41 -15.29 -4.91
C PHE A 106 -5.25 -16.43 -5.46
N TYR A 107 -4.59 -17.47 -5.97
CA TYR A 107 -5.27 -18.59 -6.60
C TYR A 107 -6.20 -19.31 -5.64
N GLU A 108 -5.72 -19.61 -4.44
CA GLU A 108 -6.50 -20.38 -3.48
C GLU A 108 -7.77 -19.64 -3.07
N ALA A 109 -7.63 -18.34 -2.79
CA ALA A 109 -8.75 -17.53 -2.34
C ALA A 109 -9.79 -17.34 -3.45
N ILE A 110 -9.33 -17.01 -4.65
CA ILE A 110 -10.22 -16.78 -5.77
C ILE A 110 -10.94 -18.06 -6.19
N ARG A 111 -10.20 -19.15 -6.31
CA ARG A 111 -10.77 -20.43 -6.73
C ARG A 111 -11.88 -20.88 -5.78
N LYS A 112 -11.70 -20.55 -4.51
CA LYS A 112 -12.64 -20.91 -3.46
C LYS A 112 -13.90 -20.05 -3.50
N ASN A 113 -13.80 -18.89 -4.14
CA ASN A 113 -14.90 -17.92 -4.14
C ASN A 113 -15.39 -17.55 -5.54
N ILE A 114 -15.26 -18.47 -6.48
CA ILE A 114 -15.70 -18.22 -7.85
C ILE A 114 -17.23 -18.14 -7.94
N LEU A 115 -17.72 -17.13 -8.65
CA LEU A 115 -19.14 -17.04 -8.95
C LEU A 115 -19.36 -17.09 -10.45
N ASN A 116 -19.98 -18.18 -10.91
CA ASN A 116 -20.32 -18.31 -12.32
C ASN A 116 -21.44 -17.34 -12.68
N GLN A 117 -21.23 -16.59 -13.74
CA GLN A 117 -22.23 -15.62 -14.19
C GLN A 117 -22.92 -16.15 -15.44
N ASN A 118 -23.84 -15.38 -16.00
CA ASN A 118 -24.68 -15.93 -17.05
C ASN A 118 -24.51 -15.21 -18.37
N ARG A 119 -23.31 -15.34 -18.93
CA ARG A 119 -22.96 -14.84 -20.25
C ARG A 119 -21.69 -15.57 -20.70
N GLU A 120 -21.68 -16.04 -21.94
CA GLU A 120 -20.52 -16.73 -22.47
C GLU A 120 -19.32 -15.79 -22.60
N ILE A 121 -18.13 -16.31 -22.33
CA ILE A 121 -16.91 -15.53 -22.44
C ILE A 121 -16.56 -15.24 -23.90
N ASP A 122 -16.29 -13.98 -24.22
CA ASP A 122 -15.76 -13.61 -25.52
C ASP A 122 -14.25 -13.73 -25.49
N TYR A 123 -13.72 -14.85 -25.98
CA TYR A 123 -12.30 -15.11 -25.92
C TYR A 123 -11.51 -14.32 -26.95
N PHE A 124 -10.27 -13.96 -26.60
CA PHE A 124 -9.34 -13.46 -27.60
C PHE A 124 -8.67 -14.66 -28.25
N VAL A 125 -9.03 -14.92 -29.50
CA VAL A 125 -8.52 -16.06 -30.23
C VAL A 125 -7.45 -15.63 -31.23
N VAL A 126 -6.21 -16.08 -31.01
CA VAL A 126 -5.13 -15.80 -31.94
C VAL A 126 -5.50 -16.30 -33.33
N GLU A 127 -5.49 -15.39 -34.30
CA GLU A 127 -6.02 -15.67 -35.64
C GLU A 127 -4.98 -16.26 -36.58
N GLU A 128 -3.73 -15.83 -36.44
CA GLU A 128 -2.67 -16.27 -37.34
C GLU A 128 -1.31 -16.24 -36.65
N PRO A 129 -0.35 -17.01 -37.20
CA PRO A 129 1.01 -17.01 -36.63
C PRO A 129 1.67 -15.64 -36.65
N ILE A 130 2.47 -15.35 -35.62
CA ILE A 130 3.21 -14.11 -35.56
C ILE A 130 4.46 -14.30 -34.69
N ILE A 131 5.56 -13.69 -35.09
CA ILE A 131 6.80 -13.77 -34.35
C ILE A 131 7.33 -12.38 -34.04
N VAL A 132 7.65 -12.14 -32.78
CA VAL A 132 8.32 -10.90 -32.38
C VAL A 132 9.71 -11.22 -31.85
N GLU A 133 10.69 -10.42 -32.25
CA GLU A 133 12.08 -10.67 -31.87
C GLU A 133 12.71 -9.43 -31.22
N ASP A 134 13.83 -9.65 -30.53
CA ASP A 134 14.59 -8.57 -29.94
C ASP A 134 16.03 -9.00 -29.69
N GLU A 135 16.83 -9.02 -30.76
CA GLU A 135 18.26 -9.33 -30.69
C GLU A 135 18.55 -10.64 -29.95
N GLY A 136 17.93 -11.73 -30.40
CA GLY A 136 18.11 -13.02 -29.76
C GLY A 136 16.85 -13.49 -29.05
N ARG A 137 16.22 -12.59 -28.31
CA ARG A 137 14.96 -12.90 -27.65
C ARG A 137 13.87 -13.09 -28.70
N LEU A 138 12.97 -14.03 -28.45
CA LEU A 138 11.93 -14.34 -29.43
C LEU A 138 10.66 -14.86 -28.77
N ILE A 139 9.52 -14.43 -29.27
CA ILE A 139 8.23 -14.98 -28.85
C ILE A 139 7.37 -15.24 -30.08
N LYS A 140 6.82 -16.45 -30.17
CA LYS A 140 5.96 -16.82 -31.28
C LYS A 140 4.56 -17.15 -30.78
N ALA A 141 3.55 -16.70 -31.53
CA ALA A 141 2.17 -17.02 -31.24
C ALA A 141 1.50 -17.63 -32.47
N GLU A 142 0.61 -18.57 -32.25
CA GLU A 142 -0.10 -19.24 -33.33
C GLU A 142 -1.46 -19.74 -32.86
N PRO A 143 -2.41 -19.94 -33.79
CA PRO A 143 -3.76 -20.35 -33.43
C PRO A 143 -3.82 -21.64 -32.60
N SER A 144 -4.73 -21.65 -31.63
CA SER A 144 -5.03 -22.83 -30.83
C SER A 144 -6.35 -22.60 -30.10
N ASP A 145 -7.21 -23.60 -30.07
CA ASP A 145 -8.49 -23.46 -29.39
C ASP A 145 -8.33 -23.53 -27.87
N THR A 146 -7.15 -23.94 -27.42
CA THR A 146 -6.83 -23.92 -26.00
C THR A 146 -5.55 -23.13 -25.75
N LEU A 147 -5.40 -22.60 -24.54
CA LEU A 147 -4.19 -21.85 -24.19
C LEU A 147 -3.03 -22.79 -23.90
N GLU A 148 -1.95 -22.62 -24.66
CA GLU A 148 -0.71 -23.36 -24.43
C GLU A 148 0.46 -22.39 -24.43
N VAL A 149 1.28 -22.43 -23.38
CA VAL A 149 2.37 -21.47 -23.22
C VAL A 149 3.67 -22.16 -22.84
N THR A 150 4.70 -21.97 -23.67
CA THR A 150 6.01 -22.54 -23.42
C THR A 150 7.06 -21.44 -23.24
N TYR A 151 7.87 -21.56 -22.20
CA TYR A 151 9.01 -20.65 -22.02
C TYR A 151 10.32 -21.45 -21.94
N GLU A 152 11.31 -21.01 -22.72
CA GLU A 152 12.63 -21.61 -22.67
C GLU A 152 13.67 -20.54 -22.33
N GLY A 153 14.57 -20.86 -21.40
CA GLY A 153 15.53 -19.87 -20.94
C GLY A 153 16.97 -20.34 -20.82
N GLU A 154 17.89 -19.39 -20.87
CA GLU A 154 19.31 -19.63 -20.61
C GLU A 154 19.70 -18.98 -19.29
N PHE A 155 20.01 -19.80 -18.28
CA PHE A 155 20.26 -19.28 -16.94
C PHE A 155 21.74 -19.19 -16.59
N LYS A 156 22.57 -19.85 -17.39
CA LYS A 156 24.03 -19.76 -17.27
C LYS A 156 24.58 -20.19 -15.91
N ASN A 157 23.76 -20.87 -15.12
CA ASN A 157 24.22 -21.46 -13.87
C ASN A 157 23.91 -22.96 -13.86
N PHE A 158 23.74 -23.53 -12.67
CA PHE A 158 23.47 -24.96 -12.55
C PHE A 158 22.18 -25.36 -13.27
N LEU A 159 21.27 -24.41 -13.42
CA LEU A 159 20.00 -24.66 -14.10
C LEU A 159 20.22 -24.92 -15.59
N GLY A 160 21.20 -24.23 -16.17
CA GLY A 160 21.51 -24.37 -17.58
C GLY A 160 20.36 -23.91 -18.45
N ARG A 161 20.04 -24.73 -19.46
CA ARG A 161 18.94 -24.41 -20.36
C ARG A 161 17.73 -25.24 -19.99
N GLN A 162 16.64 -24.56 -19.62
CA GLN A 162 15.43 -25.23 -19.20
C GLN A 162 14.21 -24.71 -19.96
N LYS A 163 13.20 -25.56 -20.11
CA LYS A 163 11.95 -25.14 -20.73
C LYS A 163 10.76 -25.80 -20.05
N PHE A 164 9.64 -25.10 -20.02
CA PHE A 164 8.42 -25.63 -19.44
C PHE A 164 7.21 -25.26 -20.29
N THR A 165 6.26 -26.19 -20.41
CA THR A 165 5.08 -25.96 -21.22
C THR A 165 3.80 -26.06 -20.39
N PHE A 166 3.02 -24.98 -20.36
CA PHE A 166 1.70 -25.01 -19.76
C PHE A 166 0.65 -25.41 -20.78
N VAL A 167 -0.23 -26.34 -20.40
CA VAL A 167 -1.42 -26.63 -21.17
C VAL A 167 -2.63 -26.54 -20.24
N GLU A 168 -3.79 -26.23 -20.79
CA GLU A 168 -5.01 -26.14 -19.99
C GLU A 168 -5.25 -27.44 -19.21
N GLY A 169 -5.52 -27.31 -17.92
CA GLY A 169 -5.65 -28.47 -17.06
C GLY A 169 -4.50 -28.53 -16.05
N ASN A 170 -3.36 -27.95 -16.40
CA ASN A 170 -2.20 -27.94 -15.53
C ASN A 170 -1.93 -26.57 -14.92
N GLU A 171 -2.99 -25.80 -14.69
CA GLU A 171 -2.87 -24.47 -14.12
C GLU A 171 -2.12 -24.47 -12.79
N GLU A 172 -2.37 -25.49 -11.97
CA GLU A 172 -1.80 -25.53 -10.63
C GLU A 172 -0.33 -25.96 -10.62
N GLU A 173 0.21 -26.28 -11.79
CA GLU A 173 1.63 -26.63 -11.89
C GLU A 173 2.53 -25.40 -12.02
N ILE A 174 1.93 -24.20 -12.07
CA ILE A 174 2.73 -22.98 -12.16
C ILE A 174 2.36 -21.93 -11.12
N VAL A 175 1.28 -22.15 -10.37
CA VAL A 175 0.84 -21.14 -9.40
C VAL A 175 1.66 -21.14 -8.12
N LEU A 176 2.58 -22.09 -7.99
CA LEU A 176 3.44 -22.15 -6.81
C LEU A 176 4.87 -21.70 -7.14
N ALA A 177 5.14 -21.45 -8.41
CA ALA A 177 6.47 -21.03 -8.84
C ALA A 177 6.75 -19.59 -8.43
N ARG A 178 7.81 -19.39 -7.66
CA ARG A 178 8.16 -18.07 -7.13
C ARG A 178 8.87 -17.19 -8.14
N THR A 179 8.74 -15.88 -7.98
CA THR A 179 9.57 -14.93 -8.70
C THR A 179 11.01 -15.17 -8.25
N PHE A 180 11.96 -14.79 -9.10
CA PHE A 180 13.36 -15.10 -8.81
C PHE A 180 14.32 -13.99 -9.24
N ALA A 181 15.50 -14.01 -8.65
CA ALA A 181 16.56 -13.07 -9.00
C ALA A 181 17.92 -13.75 -8.89
N PHE A 182 18.86 -13.32 -9.72
CA PHE A 182 20.22 -13.83 -9.65
C PHE A 182 21.04 -12.98 -8.70
N ASP A 183 22.02 -13.59 -8.05
CA ASP A 183 22.86 -12.84 -7.11
C ASP A 183 23.70 -11.79 -7.83
N TRP A 184 23.98 -12.02 -9.12
CA TRP A 184 24.80 -11.06 -9.88
C TRP A 184 24.02 -9.85 -10.37
N GLU A 185 22.71 -9.84 -10.17
CA GLU A 185 21.91 -8.68 -10.58
C GLU A 185 21.36 -7.90 -9.39
N ILE A 186 21.62 -8.39 -8.19
CA ILE A 186 21.12 -7.76 -6.97
C ILE A 186 21.63 -6.33 -6.82
N GLU A 187 22.92 -6.12 -7.04
CA GLU A 187 23.53 -4.80 -6.93
C GLU A 187 22.87 -3.81 -7.88
N HIS A 188 22.63 -4.25 -9.12
CA HIS A 188 21.99 -3.40 -10.11
C HIS A 188 20.55 -3.09 -9.74
N ILE A 189 19.83 -4.11 -9.27
CA ILE A 189 18.44 -3.96 -8.84
C ILE A 189 18.30 -2.90 -7.75
N LYS A 190 19.17 -2.99 -6.75
CA LYS A 190 19.15 -2.04 -5.64
C LYS A 190 19.50 -0.63 -6.10
N LYS A 191 20.40 -0.53 -7.08
CA LYS A 191 20.91 0.76 -7.53
C LYS A 191 19.84 1.57 -8.28
N VAL A 192 18.98 0.88 -9.01
CA VAL A 192 17.94 1.56 -9.78
C VAL A 192 16.62 1.66 -9.02
N GLY A 193 16.67 1.39 -7.73
CA GLY A 193 15.51 1.57 -6.86
C GLY A 193 14.45 0.49 -6.96
N LEU A 194 14.86 -0.72 -7.33
CA LEU A 194 13.93 -1.83 -7.43
C LEU A 194 14.24 -2.88 -6.35
N GLY A 195 13.37 -3.88 -6.25
CA GLY A 195 13.57 -5.00 -5.34
C GLY A 195 13.65 -4.64 -3.86
N LYS A 196 13.09 -3.50 -3.49
CA LYS A 196 13.16 -3.03 -2.10
C LYS A 196 12.38 -3.92 -1.13
N GLY A 197 11.47 -4.74 -1.67
CA GLY A 197 10.67 -5.63 -0.84
C GLY A 197 11.21 -7.06 -0.86
N GLY A 198 12.35 -7.24 -1.50
CA GLY A 198 12.94 -8.56 -1.68
C GLY A 198 13.51 -9.19 -0.42
N SER A 199 13.22 -10.47 -0.25
CA SER A 199 13.81 -11.27 0.82
C SER A 199 13.71 -12.75 0.44
N LEU A 200 14.34 -13.61 1.23
CA LEU A 200 14.28 -15.04 0.95
C LEU A 200 12.88 -15.60 1.22
N LYS A 201 12.04 -14.80 1.85
CA LYS A 201 10.67 -15.20 2.17
C LYS A 201 9.70 -14.98 1.01
N ASN A 202 10.13 -14.25 -0.02
CA ASN A 202 9.26 -14.02 -1.17
C ASN A 202 9.98 -14.08 -2.52
N THR A 203 11.27 -14.44 -2.49
CA THR A 203 12.06 -14.48 -3.71
C THR A 203 13.04 -15.65 -3.72
N LEU A 204 13.02 -16.41 -4.80
CA LEU A 204 14.03 -17.42 -5.06
C LEU A 204 15.31 -16.74 -5.54
N VAL A 205 16.37 -16.82 -4.74
CA VAL A 205 17.64 -16.18 -5.13
C VAL A 205 18.63 -17.23 -5.62
N LEU A 206 19.09 -17.05 -6.85
CA LEU A 206 19.93 -18.04 -7.51
C LEU A 206 21.41 -17.68 -7.48
N GLY A 207 22.24 -18.71 -7.27
CA GLY A 207 23.69 -18.55 -7.35
C GLY A 207 24.24 -19.35 -8.52
N LYS A 208 25.56 -19.38 -8.64
CA LYS A 208 26.21 -20.09 -9.75
C LYS A 208 25.96 -21.59 -9.66
N ASP A 209 26.08 -22.16 -8.47
CA ASP A 209 25.85 -23.58 -8.27
C ASP A 209 25.05 -23.86 -7.01
N LYS A 210 24.22 -22.91 -6.61
CA LYS A 210 23.44 -23.07 -5.39
C LYS A 210 22.20 -22.16 -5.37
N VAL A 211 21.33 -22.45 -4.41
CA VAL A 211 20.17 -21.61 -4.14
C VAL A 211 20.33 -21.02 -2.74
N TYR A 212 20.16 -19.70 -2.62
CA TYR A 212 20.36 -19.03 -1.33
C TYR A 212 19.26 -19.35 -0.33
N ASN A 213 18.09 -19.70 -0.84
CA ASN A 213 16.97 -20.08 0.02
C ASN A 213 17.26 -21.41 0.72
N PRO A 214 17.14 -21.43 2.06
CA PRO A 214 17.39 -22.63 2.86
C PRO A 214 16.60 -23.85 2.40
N GLU A 215 15.34 -23.63 2.01
CA GLU A 215 14.48 -24.74 1.61
C GLU A 215 14.74 -25.17 0.16
N GLY A 216 15.54 -24.38 -0.56
CA GLY A 216 15.91 -24.72 -1.92
C GLY A 216 14.83 -24.45 -2.95
N LEU A 217 14.87 -25.22 -4.04
CA LEU A 217 13.92 -25.07 -5.13
C LEU A 217 12.57 -25.73 -4.84
N ARG A 218 11.50 -25.13 -5.36
CA ARG A 218 10.16 -25.73 -5.26
C ARG A 218 9.96 -26.76 -6.37
N TYR A 219 10.60 -26.50 -7.51
CA TYR A 219 10.67 -27.45 -8.61
C TYR A 219 12.07 -27.37 -9.20
N GLU A 220 12.51 -28.45 -9.85
CA GLU A 220 13.84 -28.45 -10.48
C GLU A 220 13.90 -27.39 -11.58
N ASN A 221 12.74 -27.05 -12.13
CA ASN A 221 12.67 -26.01 -13.16
C ASN A 221 11.76 -24.85 -12.74
N GLU A 222 11.78 -24.52 -11.46
CA GLU A 222 10.93 -23.46 -10.93
C GLU A 222 11.02 -22.11 -11.67
N PRO A 223 12.25 -21.66 -12.03
CA PRO A 223 12.30 -20.37 -12.73
C PRO A 223 11.53 -20.31 -14.06
N VAL A 224 11.64 -21.32 -14.92
CA VAL A 224 10.93 -21.27 -16.19
C VAL A 224 9.42 -21.45 -15.99
N ARG A 225 9.03 -22.13 -14.93
CA ARG A 225 7.62 -22.24 -14.58
C ARG A 225 7.07 -20.85 -14.27
N HIS A 226 7.85 -20.06 -13.53
CA HIS A 226 7.41 -18.71 -13.17
C HIS A 226 7.37 -17.79 -14.38
N LYS A 227 8.30 -18.00 -15.31
CA LYS A 227 8.33 -17.21 -16.54
C LYS A 227 7.08 -17.45 -17.39
N VAL A 228 6.62 -18.69 -17.40
CA VAL A 228 5.36 -19.04 -18.06
C VAL A 228 4.21 -18.33 -17.35
N PHE A 229 4.24 -18.39 -16.02
CA PHE A 229 3.28 -17.71 -15.17
C PHE A 229 3.25 -16.21 -15.47
N ASP A 230 4.43 -15.61 -15.62
CA ASP A 230 4.54 -14.20 -15.97
C ASP A 230 3.89 -13.88 -17.31
N LEU A 231 4.19 -14.71 -18.31
CA LEU A 231 3.69 -14.49 -19.67
C LEU A 231 2.17 -14.56 -19.73
N ILE A 232 1.60 -15.53 -19.02
CA ILE A 232 0.16 -15.68 -18.97
C ILE A 232 -0.50 -14.44 -18.34
N GLY A 233 0.17 -13.84 -17.37
CA GLY A 233 -0.29 -12.59 -16.79
C GLY A 233 -0.29 -11.45 -17.78
N ASP A 234 0.85 -11.29 -18.47
CA ASP A 234 0.99 -10.24 -19.47
C ASP A 234 0.02 -10.46 -20.64
N LEU A 235 -0.23 -11.72 -20.97
CA LEU A 235 -1.12 -12.05 -22.09
C LEU A 235 -2.55 -11.59 -21.81
N TYR A 236 -2.91 -11.47 -20.54
CA TYR A 236 -4.27 -11.08 -20.18
C TYR A 236 -4.50 -9.59 -20.41
N LEU A 237 -3.44 -8.87 -20.76
CA LEU A 237 -3.56 -7.46 -21.11
C LEU A 237 -4.25 -7.28 -22.46
N LEU A 238 -4.55 -8.40 -23.11
CA LEU A 238 -5.34 -8.39 -24.33
C LEU A 238 -6.82 -8.08 -24.03
N GLY A 239 -7.18 -8.11 -22.75
CA GLY A 239 -8.49 -7.69 -22.32
C GLY A 239 -9.51 -8.81 -22.21
N SER A 240 -9.14 -9.97 -22.72
N SER A 240 -9.13 -9.99 -22.69
CA SER A 240 -9.99 -11.16 -22.69
CA SER A 240 -10.00 -11.15 -22.68
C SER A 240 -9.15 -12.40 -22.49
C SER A 240 -9.17 -12.42 -22.53
N PRO A 241 -9.74 -13.47 -21.91
CA PRO A 241 -9.05 -14.75 -21.82
C PRO A 241 -8.57 -15.23 -23.20
N VAL A 242 -7.33 -15.68 -23.27
CA VAL A 242 -6.67 -15.89 -24.54
C VAL A 242 -6.63 -17.35 -24.96
N LYS A 243 -6.92 -17.60 -26.24
CA LYS A 243 -6.77 -18.93 -26.81
C LYS A 243 -5.71 -18.90 -27.91
N GLY A 244 -4.60 -19.58 -27.68
CA GLY A 244 -3.52 -19.62 -28.65
C GLY A 244 -2.33 -20.40 -28.13
N LYS A 245 -1.40 -20.70 -29.02
CA LYS A 245 -0.19 -21.44 -28.66
C LYS A 245 1.02 -20.52 -28.69
N PHE A 246 1.72 -20.44 -27.57
CA PHE A 246 2.82 -19.49 -27.41
C PHE A 246 4.14 -20.18 -27.09
N TYR A 247 5.21 -19.66 -27.68
CA TYR A 247 6.56 -20.09 -27.34
C TYR A 247 7.44 -18.87 -27.11
N SER A 248 8.04 -18.80 -25.93
CA SER A 248 8.93 -17.69 -25.60
C SER A 248 10.35 -18.18 -25.33
N PHE A 249 11.31 -17.60 -26.04
CA PHE A 249 12.71 -17.87 -25.77
C PHE A 249 13.39 -16.64 -25.18
N ARG A 250 13.70 -16.71 -23.90
CA ARG A 250 14.39 -15.64 -23.18
C ARG A 250 13.59 -14.34 -23.20
N GLY A 251 12.27 -14.46 -23.31
CA GLY A 251 11.40 -13.30 -23.34
C GLY A 251 11.23 -12.66 -21.97
N GLY A 252 10.82 -11.40 -21.97
CA GLY A 252 10.55 -10.68 -20.73
C GLY A 252 9.28 -9.87 -20.89
N HIS A 253 8.97 -9.04 -19.90
CA HIS A 253 7.74 -8.26 -19.92
C HIS A 253 7.64 -7.35 -21.15
N SER A 254 8.75 -6.71 -21.51
CA SER A 254 8.76 -5.81 -22.66
C SER A 254 8.38 -6.53 -23.96
N LEU A 255 8.97 -7.71 -24.18
CA LEU A 255 8.66 -8.47 -25.39
C LEU A 255 7.26 -9.06 -25.32
N ASN A 256 6.84 -9.46 -24.11
CA ASN A 256 5.47 -9.93 -23.89
C ASN A 256 4.45 -8.88 -24.33
N VAL A 257 4.64 -7.66 -23.86
CA VAL A 257 3.71 -6.56 -24.14
C VAL A 257 3.79 -6.15 -25.61
N LYS A 258 4.98 -6.24 -26.19
CA LYS A 258 5.14 -5.94 -27.62
C LYS A 258 4.30 -6.90 -28.46
N LEU A 259 4.32 -8.18 -28.10
CA LEU A 259 3.52 -9.19 -28.79
C LEU A 259 2.03 -8.91 -28.61
N VAL A 260 1.64 -8.61 -27.36
CA VAL A 260 0.26 -8.27 -27.04
C VAL A 260 -0.25 -7.11 -27.88
N LYS A 261 0.55 -6.05 -27.95
CA LYS A 261 0.17 -4.85 -28.68
C LYS A 261 0.03 -5.12 -30.18
N GLU A 262 0.92 -5.96 -30.71
CA GLU A 262 0.85 -6.29 -32.14
C GLU A 262 -0.33 -7.21 -32.43
N LEU A 263 -0.61 -8.14 -31.52
CA LEU A 263 -1.77 -9.01 -31.66
C LEU A 263 -3.06 -8.20 -31.62
N ALA A 264 -3.12 -7.23 -30.71
CA ALA A 264 -4.29 -6.39 -30.54
C ALA A 264 -4.56 -5.56 -31.80
N LYS A 265 -3.49 -5.03 -32.38
CA LYS A 265 -3.59 -4.19 -33.57
C LYS A 265 -4.07 -4.98 -34.77
N LYS A 266 -3.63 -6.22 -34.89
CA LYS A 266 -3.99 -7.06 -36.02
C LYS A 266 -5.44 -7.53 -35.95
N GLN A 267 -5.97 -7.61 -34.72
CA GLN A 267 -7.31 -8.14 -34.53
C GLN A 267 -8.29 -7.10 -33.97
N LYS A 268 -8.16 -5.87 -34.45
CA LYS A 268 -9.09 -4.81 -34.08
C LYS A 268 -9.74 -4.20 -35.31
N GLY B 2 -8.59 23.32 -2.32
CA GLY B 2 -9.73 22.43 -2.37
C GLY B 2 -10.91 22.96 -1.59
N LEU B 3 -12.03 22.25 -1.67
CA LEU B 3 -13.23 22.63 -0.94
C LEU B 3 -13.22 22.05 0.46
N GLU B 4 -13.93 22.68 1.39
CA GLU B 4 -14.09 22.13 2.71
C GLU B 4 -14.84 20.81 2.62
N LYS B 5 -14.54 19.90 3.54
CA LYS B 5 -15.10 18.56 3.48
C LYS B 5 -15.57 18.06 4.84
N THR B 6 -16.62 17.25 4.83
CA THR B 6 -17.09 16.56 6.02
C THR B 6 -17.34 15.11 5.66
N VAL B 7 -17.95 14.35 6.56
CA VAL B 7 -18.36 12.99 6.24
C VAL B 7 -19.83 12.97 5.86
N LYS B 8 -20.23 12.05 4.99
CA LYS B 8 -21.59 12.04 4.48
C LYS B 8 -22.54 11.29 5.40
N GLU B 9 -21.98 10.58 6.37
CA GLU B 9 -22.78 9.89 7.38
C GLU B 9 -21.93 9.59 8.61
N LYS B 10 -22.59 9.21 9.71
CA LYS B 10 -21.89 8.90 10.94
C LYS B 10 -21.03 7.64 10.78
N LEU B 11 -19.78 7.72 11.24
CA LEU B 11 -18.85 6.60 11.15
C LEU B 11 -18.40 6.19 12.54
N SER B 12 -18.43 4.88 12.81
CA SER B 12 -18.08 4.38 14.13
C SER B 12 -16.71 3.69 14.14
N PHE B 13 -15.99 3.87 15.24
CA PHE B 13 -14.72 3.19 15.47
C PHE B 13 -14.63 2.79 16.94
N GLU B 14 -13.98 1.67 17.22
CA GLU B 14 -13.88 1.20 18.59
C GLU B 14 -12.67 0.32 18.82
N GLY B 15 -12.21 0.26 20.06
CA GLY B 15 -11.08 -0.58 20.41
C GLY B 15 -10.29 -0.04 21.59
N VAL B 16 -9.32 -0.84 22.00
CA VAL B 16 -8.43 -0.50 23.11
C VAL B 16 -7.52 0.69 22.75
N GLY B 17 -7.30 1.57 23.72
CA GLY B 17 -6.32 2.63 23.57
C GLY B 17 -4.93 2.10 23.84
N ILE B 18 -3.94 2.57 23.09
CA ILE B 18 -2.58 2.03 23.17
C ILE B 18 -1.96 2.21 24.55
N HIS B 19 -2.25 3.32 25.23
CA HIS B 19 -1.62 3.61 26.52
C HIS B 19 -2.48 3.24 27.73
N THR B 20 -3.77 3.54 27.67
CA THR B 20 -4.65 3.25 28.80
C THR B 20 -4.98 1.76 28.88
N GLY B 21 -4.98 1.09 27.74
CA GLY B 21 -5.36 -0.30 27.68
C GLY B 21 -6.86 -0.49 27.85
N GLU B 22 -7.59 0.62 27.83
CA GLU B 22 -9.03 0.60 28.03
C GLU B 22 -9.77 0.81 26.70
N TYR B 23 -10.97 0.26 26.63
CA TYR B 23 -11.81 0.36 25.44
C TYR B 23 -12.40 1.75 25.30
N SER B 24 -12.64 2.17 24.05
N SER B 24 -12.60 2.17 24.06
CA SER B 24 -13.32 3.43 23.81
CA SER B 24 -13.30 3.41 23.75
C SER B 24 -14.11 3.40 22.51
C SER B 24 -14.15 3.22 22.50
N LYS B 25 -15.21 4.15 22.48
N LYS B 25 -15.24 3.98 22.41
CA LYS B 25 -16.07 4.23 21.31
CA LYS B 25 -16.08 3.97 21.22
C LYS B 25 -15.91 5.57 20.60
C LYS B 25 -16.11 5.37 20.63
N LEU B 26 -15.79 5.53 19.28
N LEU B 26 -15.97 5.44 19.31
CA LEU B 26 -15.73 6.75 18.48
CA LEU B 26 -15.83 6.72 18.63
C LEU B 26 -16.90 6.83 17.52
C LEU B 26 -16.83 6.86 17.49
N ILE B 27 -17.46 8.03 17.40
CA ILE B 27 -18.41 8.31 16.33
C ILE B 27 -18.06 9.64 15.68
N ILE B 28 -17.79 9.62 14.37
CA ILE B 28 -17.50 10.84 13.63
C ILE B 28 -18.77 11.41 13.04
N HIS B 29 -19.15 12.60 13.49
CA HIS B 29 -20.38 13.25 13.06
C HIS B 29 -20.13 14.30 11.98
N PRO B 30 -21.02 14.35 10.98
CA PRO B 30 -20.97 15.40 9.97
C PRO B 30 -21.17 16.78 10.58
N GLU B 31 -20.52 17.80 10.04
CA GLU B 31 -20.70 19.17 10.50
C GLU B 31 -20.73 20.13 9.33
N LYS B 32 -21.42 21.25 9.50
CA LYS B 32 -21.58 22.25 8.45
C LYS B 32 -20.30 23.02 8.20
N GLU B 33 -20.32 23.84 7.15
CA GLU B 33 -19.18 24.67 6.77
C GLU B 33 -18.76 25.61 7.90
N GLY B 34 -17.45 25.81 8.04
CA GLY B 34 -16.91 26.73 9.02
C GLY B 34 -16.98 26.26 10.46
N THR B 35 -17.11 24.95 10.65
CA THR B 35 -17.21 24.38 11.98
C THR B 35 -15.84 24.04 12.56
N GLY B 36 -14.99 23.45 11.72
CA GLY B 36 -13.67 23.03 12.17
C GLY B 36 -13.67 21.60 12.70
N ILE B 37 -12.50 21.11 13.08
CA ILE B 37 -12.38 19.79 13.70
C ILE B 37 -12.45 19.91 15.20
N ARG B 38 -13.35 19.14 15.82
CA ARG B 38 -13.49 19.18 17.27
C ARG B 38 -13.89 17.83 17.82
N PHE B 39 -13.44 17.55 19.03
CA PHE B 39 -13.86 16.33 19.73
C PHE B 39 -15.03 16.67 20.64
N PHE B 40 -15.74 15.63 21.09
CA PHE B 40 -16.82 15.78 22.04
C PHE B 40 -16.77 14.64 23.05
N LYS B 41 -16.63 15.00 24.32
CA LYS B 41 -16.60 14.00 25.38
C LYS B 41 -17.35 14.49 26.62
N ASN B 42 -18.35 13.72 27.03
CA ASN B 42 -19.08 13.95 28.27
C ASN B 42 -19.65 15.36 28.39
N GLY B 43 -20.22 15.86 27.30
CA GLY B 43 -20.89 17.15 27.32
C GLY B 43 -20.00 18.33 27.00
N VAL B 44 -18.73 18.06 26.69
CA VAL B 44 -17.77 19.13 26.43
C VAL B 44 -17.17 19.05 25.02
N TYR B 45 -17.25 20.15 24.28
CA TYR B 45 -16.59 20.24 22.99
C TYR B 45 -15.12 20.61 23.15
N ILE B 46 -14.24 19.80 22.58
CA ILE B 46 -12.81 20.05 22.64
C ILE B 46 -12.26 20.23 21.23
N PRO B 47 -12.02 21.49 20.82
CA PRO B 47 -11.48 21.78 19.49
C PRO B 47 -10.12 21.12 19.26
N ALA B 48 -9.90 20.61 18.05
CA ALA B 48 -8.60 20.04 17.70
C ALA B 48 -7.61 21.16 17.42
N ARG B 49 -7.28 21.94 18.46
CA ARG B 49 -6.37 23.07 18.34
C ARG B 49 -5.31 23.02 19.42
N HIS B 50 -4.17 23.67 19.17
CA HIS B 50 -3.02 23.59 20.06
C HIS B 50 -3.30 24.13 21.46
N GLU B 51 -4.24 25.06 21.56
CA GLU B 51 -4.58 25.67 22.85
C GLU B 51 -5.14 24.65 23.83
N PHE B 52 -5.63 23.53 23.32
CA PHE B 52 -6.29 22.54 24.16
C PHE B 52 -5.43 21.30 24.39
N VAL B 53 -4.16 21.37 24.02
CA VAL B 53 -3.20 20.31 24.32
C VAL B 53 -2.87 20.33 25.81
N VAL B 54 -3.00 19.17 26.48
CA VAL B 54 -2.72 19.10 27.91
C VAL B 54 -1.54 18.19 28.25
N HIS B 55 -1.08 17.40 27.28
CA HIS B 55 0.03 16.47 27.52
C HIS B 55 0.67 16.05 26.20
N THR B 56 1.99 15.91 26.18
CA THR B 56 2.71 15.59 24.94
C THR B 56 3.80 14.51 25.09
N ASN B 57 3.76 13.75 26.16
CA ASN B 57 4.77 12.69 26.32
C ASN B 57 4.22 11.33 25.90
N HIS B 58 4.82 10.78 24.85
CA HIS B 58 4.48 9.49 24.24
C HIS B 58 3.17 9.53 23.44
N SER B 59 2.41 10.61 23.60
CA SER B 59 1.19 10.82 22.82
C SER B 59 0.79 12.28 22.88
N THR B 60 -0.11 12.68 22.00
CA THR B 60 -0.68 14.03 22.05
C THR B 60 -2.08 13.96 22.64
N ASP B 61 -2.27 14.59 23.80
CA ASP B 61 -3.54 14.53 24.50
C ASP B 61 -4.21 15.89 24.54
N LEU B 62 -5.53 15.90 24.36
CA LEU B 62 -6.30 17.14 24.42
C LEU B 62 -7.23 17.14 25.63
N GLY B 63 -7.54 18.32 26.14
CA GLY B 63 -8.40 18.43 27.30
C GLY B 63 -9.08 19.78 27.43
N PHE B 64 -10.23 19.79 28.09
CA PHE B 64 -10.98 21.01 28.35
C PHE B 64 -12.06 20.75 29.39
N LYS B 65 -12.14 21.63 30.39
CA LYS B 65 -13.14 21.53 31.44
C LYS B 65 -13.12 20.17 32.15
N GLY B 66 -11.93 19.67 32.44
CA GLY B 66 -11.77 18.44 33.19
C GLY B 66 -11.88 17.16 32.36
N GLN B 67 -12.27 17.31 31.09
CA GLN B 67 -12.39 16.16 30.21
C GLN B 67 -11.15 16.02 29.34
N ARG B 68 -10.57 14.82 29.33
CA ARG B 68 -9.33 14.58 28.59
C ARG B 68 -9.47 13.43 27.60
N ILE B 69 -8.83 13.60 26.45
CA ILE B 69 -8.79 12.55 25.42
C ILE B 69 -7.34 12.29 25.01
N LYS B 70 -6.85 11.09 25.25
CA LYS B 70 -5.47 10.76 24.92
C LYS B 70 -5.29 10.31 23.46
N THR B 71 -4.10 10.58 22.93
CA THR B 71 -3.63 10.02 21.67
C THR B 71 -4.51 10.38 20.46
N VAL B 72 -4.59 11.68 20.17
CA VAL B 72 -5.41 12.16 19.07
C VAL B 72 -4.65 12.27 17.76
N GLU B 73 -3.34 12.03 17.79
CA GLU B 73 -2.48 12.33 16.65
C GLU B 73 -2.77 11.51 15.39
N HIS B 74 -3.19 10.26 15.57
CA HIS B 74 -3.37 9.37 14.41
C HIS B 74 -4.64 9.69 13.64
N ILE B 75 -5.75 9.89 14.35
CA ILE B 75 -7.00 10.20 13.69
C ILE B 75 -6.94 11.60 13.09
N LEU B 76 -6.24 12.52 13.77
CA LEU B 76 -6.07 13.87 13.26
C LEU B 76 -5.20 13.88 12.00
N SER B 77 -4.22 12.99 11.95
CA SER B 77 -3.35 12.89 10.78
C SER B 77 -4.15 12.47 9.55
N VAL B 78 -4.99 11.46 9.70
CA VAL B 78 -5.83 10.98 8.61
C VAL B 78 -6.74 12.08 8.11
N LEU B 79 -7.38 12.80 9.03
CA LEU B 79 -8.25 13.91 8.67
C LEU B 79 -7.48 15.00 7.94
N HIS B 80 -6.23 15.21 8.37
CA HIS B 80 -5.38 16.21 7.74
C HIS B 80 -5.05 15.81 6.31
N LEU B 81 -4.67 14.56 6.14
CA LEU B 81 -4.28 14.03 4.84
C LEU B 81 -5.43 14.05 3.83
N LEU B 82 -6.62 13.74 4.30
CA LEU B 82 -7.81 13.74 3.46
C LEU B 82 -8.43 15.14 3.36
N GLU B 83 -7.86 16.07 4.12
CA GLU B 83 -8.36 17.44 4.21
C GLU B 83 -9.84 17.49 4.59
N ILE B 84 -10.22 16.65 5.55
CA ILE B 84 -11.52 16.78 6.19
C ILE B 84 -11.45 17.95 7.15
N THR B 85 -12.32 18.94 6.96
CA THR B 85 -12.22 20.18 7.72
C THR B 85 -13.33 20.38 8.75
N ASN B 86 -14.46 19.71 8.58
CA ASN B 86 -15.59 19.90 9.47
C ASN B 86 -16.21 18.59 9.97
N VAL B 87 -15.77 18.12 11.13
CA VAL B 87 -16.43 16.99 11.79
C VAL B 87 -16.40 17.15 13.30
N THR B 88 -17.32 16.45 13.96
CA THR B 88 -17.26 16.31 15.41
C THR B 88 -16.93 14.86 15.75
N ILE B 89 -15.83 14.68 16.48
CA ILE B 89 -15.40 13.35 16.88
C ILE B 89 -15.89 13.04 18.30
N GLU B 90 -17.03 12.37 18.39
CA GLU B 90 -17.58 12.01 19.69
C GLU B 90 -16.80 10.85 20.29
N VAL B 91 -16.32 11.03 21.51
CA VAL B 91 -15.54 10.00 22.18
C VAL B 91 -16.21 9.57 23.47
N ILE B 92 -16.55 8.29 23.57
CA ILE B 92 -16.92 7.70 24.84
C ILE B 92 -15.78 6.80 25.28
N GLY B 93 -15.01 7.29 26.25
CA GLY B 93 -13.78 6.62 26.65
C GLY B 93 -12.69 7.66 26.90
N ASN B 94 -11.50 7.19 27.24
CA ASN B 94 -10.43 8.09 27.67
C ASN B 94 -9.29 8.23 26.66
N GLU B 95 -9.37 7.49 25.55
CA GLU B 95 -8.31 7.50 24.56
C GLU B 95 -8.84 7.10 23.18
N ILE B 96 -8.28 7.69 22.12
CA ILE B 96 -8.61 7.25 20.77
C ILE B 96 -8.09 5.83 20.57
N PRO B 97 -8.95 4.94 20.06
CA PRO B 97 -8.55 3.56 19.75
C PRO B 97 -7.32 3.52 18.84
N ILE B 98 -6.37 2.65 19.15
CA ILE B 98 -5.15 2.55 18.36
C ILE B 98 -5.39 1.71 17.11
N LEU B 99 -6.40 0.85 17.18
CA LEU B 99 -6.78 -0.01 16.07
C LEU B 99 -5.58 -0.84 15.61
N ASP B 100 -5.19 -0.70 14.35
CA ASP B 100 -4.10 -1.51 13.81
C ASP B 100 -2.73 -0.90 14.12
N GLY B 101 -2.72 0.28 14.72
CA GLY B 101 -1.48 0.94 15.05
C GLY B 101 -1.11 2.02 14.04
N SER B 102 -1.75 1.98 12.88
CA SER B 102 -1.55 3.00 11.86
C SER B 102 -2.86 3.74 11.63
N GLY B 103 -2.88 4.56 10.58
CA GLY B 103 -4.08 5.30 10.22
C GLY B 103 -5.00 4.53 9.29
N TRP B 104 -4.66 3.28 9.01
CA TRP B 104 -5.36 2.49 7.99
C TRP B 104 -6.88 2.43 8.12
N GLU B 105 -7.38 1.99 9.27
CA GLU B 105 -8.82 1.78 9.42
C GLU B 105 -9.59 3.10 9.40
N PHE B 106 -8.98 4.15 9.97
CA PHE B 106 -9.55 5.49 9.86
C PHE B 106 -9.58 5.93 8.40
N TYR B 107 -8.44 5.76 7.74
CA TYR B 107 -8.25 6.20 6.36
C TYR B 107 -9.25 5.55 5.40
N GLU B 108 -9.39 4.23 5.49
N GLU B 108 -9.38 4.22 5.49
CA GLU B 108 -10.23 3.51 4.54
CA GLU B 108 -10.23 3.46 4.58
C GLU B 108 -11.71 3.83 4.72
C GLU B 108 -11.70 3.85 4.73
N ALA B 109 -12.15 3.96 5.97
CA ALA B 109 -13.55 4.26 6.26
C ALA B 109 -13.92 5.70 5.87
N ILE B 110 -13.09 6.65 6.29
CA ILE B 110 -13.39 8.06 6.05
C ILE B 110 -13.35 8.43 4.56
N ARG B 111 -12.33 7.95 3.86
CA ARG B 111 -12.14 8.32 2.46
C ARG B 111 -13.30 7.87 1.57
N LYS B 112 -14.01 6.84 2.00
CA LYS B 112 -15.15 6.31 1.25
C LYS B 112 -16.43 7.09 1.55
N ASN B 113 -16.37 7.98 2.53
CA ASN B 113 -17.55 8.70 2.97
C ASN B 113 -17.34 10.21 3.02
N ILE B 114 -16.55 10.73 2.09
CA ILE B 114 -16.26 12.15 2.02
C ILE B 114 -17.41 12.91 1.39
N LEU B 115 -17.81 14.02 2.03
CA LEU B 115 -18.82 14.90 1.46
C LEU B 115 -18.24 16.30 1.21
N ASN B 116 -18.12 16.67 -0.06
CA ASN B 116 -17.64 17.99 -0.42
C ASN B 116 -18.64 19.07 -0.02
N GLN B 117 -18.12 20.20 0.46
CA GLN B 117 -18.97 21.30 0.89
C GLN B 117 -18.72 22.56 0.05
N ASN B 118 -19.58 23.56 0.22
CA ASN B 118 -19.57 24.72 -0.67
C ASN B 118 -18.78 25.93 -0.18
N ARG B 119 -17.49 25.73 0.08
CA ARG B 119 -16.58 26.84 0.32
C ARG B 119 -15.13 26.36 0.27
N GLU B 120 -14.24 27.26 -0.11
CA GLU B 120 -12.82 26.95 -0.24
C GLU B 120 -12.18 26.80 1.14
N ILE B 121 -11.21 25.90 1.24
CA ILE B 121 -10.45 25.71 2.47
C ILE B 121 -9.52 26.89 2.73
N ASP B 122 -9.58 27.45 3.93
CA ASP B 122 -8.61 28.45 4.36
C ASP B 122 -7.38 27.73 4.92
N TYR B 123 -6.37 27.56 4.08
CA TYR B 123 -5.17 26.82 4.48
C TYR B 123 -4.28 27.64 5.42
N PHE B 124 -3.57 26.95 6.30
CA PHE B 124 -2.50 27.59 7.05
C PHE B 124 -1.23 27.51 6.22
N VAL B 125 -0.82 28.64 5.67
CA VAL B 125 0.35 28.68 4.80
C VAL B 125 1.56 29.23 5.54
N VAL B 126 2.57 28.38 5.73
CA VAL B 126 3.82 28.81 6.35
C VAL B 126 4.43 29.94 5.53
N GLU B 127 4.64 31.08 6.17
CA GLU B 127 5.03 32.30 5.47
C GLU B 127 6.54 32.48 5.36
N GLU B 128 7.26 32.05 6.39
CA GLU B 128 8.71 32.20 6.39
C GLU B 128 9.37 31.03 7.11
N PRO B 129 10.65 30.76 6.80
CA PRO B 129 11.37 29.66 7.44
C PRO B 129 11.45 29.80 8.96
N ILE B 130 11.47 28.68 9.68
CA ILE B 130 11.50 28.70 11.14
C ILE B 130 12.14 27.43 11.68
N ILE B 131 12.86 27.57 12.80
CA ILE B 131 13.47 26.43 13.48
C ILE B 131 13.06 26.38 14.94
N VAL B 132 12.60 25.22 15.39
CA VAL B 132 12.41 24.95 16.80
C VAL B 132 13.25 23.74 17.21
N GLU B 133 13.64 23.69 18.47
CA GLU B 133 14.47 22.60 18.98
C GLU B 133 14.46 22.51 20.49
N ASP B 134 14.91 21.38 21.03
CA ASP B 134 15.16 21.28 22.46
C ASP B 134 16.64 20.94 22.68
N GLU B 135 16.94 19.68 22.97
CA GLU B 135 18.33 19.25 23.13
C GLU B 135 18.63 18.08 22.19
N GLY B 136 19.24 18.38 21.05
CA GLY B 136 19.61 17.36 20.10
C GLY B 136 18.48 16.95 19.18
N ARG B 137 17.31 17.57 19.34
CA ARG B 137 16.17 17.32 18.48
C ARG B 137 15.68 18.63 17.89
N LEU B 138 15.29 18.61 16.63
CA LEU B 138 15.01 19.85 15.90
C LEU B 138 13.98 19.65 14.79
N ILE B 139 13.19 20.70 14.54
CA ILE B 139 12.29 20.71 13.39
C ILE B 139 12.48 21.99 12.58
N LYS B 140 12.69 21.82 11.28
CA LYS B 140 12.81 22.94 10.35
C LYS B 140 11.55 23.02 9.49
N ALA B 141 11.07 24.24 9.28
CA ALA B 141 9.92 24.45 8.40
C ALA B 141 10.20 25.58 7.42
N GLU B 142 9.64 25.49 6.22
CA GLU B 142 9.83 26.50 5.20
C GLU B 142 8.60 26.59 4.30
N PRO B 143 8.39 27.74 3.65
CA PRO B 143 7.22 27.93 2.77
C PRO B 143 7.17 26.91 1.63
N SER B 144 5.95 26.48 1.29
CA SER B 144 5.72 25.53 0.21
C SER B 144 4.24 25.52 -0.17
N ASP B 145 3.96 25.43 -1.46
CA ASP B 145 2.58 25.38 -1.93
C ASP B 145 1.94 24.03 -1.64
N THR B 146 2.78 23.03 -1.39
CA THR B 146 2.30 21.68 -1.08
C THR B 146 2.87 21.20 0.25
N LEU B 147 2.13 20.33 0.93
CA LEU B 147 2.59 19.77 2.19
C LEU B 147 3.67 18.72 1.95
N GLU B 148 4.86 18.95 2.50
CA GLU B 148 5.94 17.99 2.41
C GLU B 148 6.59 17.82 3.77
N VAL B 149 6.73 16.58 4.22
CA VAL B 149 7.26 16.31 5.55
C VAL B 149 8.35 15.24 5.54
N THR B 150 9.53 15.62 6.02
CA THR B 150 10.64 14.70 6.15
C THR B 150 10.95 14.43 7.63
N TYR B 151 11.16 13.16 7.97
CA TYR B 151 11.61 12.80 9.32
C TYR B 151 12.92 12.02 9.24
N GLU B 152 13.86 12.38 10.11
CA GLU B 152 15.11 11.63 10.23
C GLU B 152 15.25 11.07 11.65
N GLY B 153 15.42 9.76 11.75
CA GLY B 153 15.58 9.11 13.03
C GLY B 153 16.90 8.39 13.18
N GLU B 154 17.37 8.31 14.42
CA GLU B 154 18.61 7.58 14.72
C GLU B 154 18.31 6.44 15.67
N PHE B 155 18.29 5.21 15.15
CA PHE B 155 17.97 4.04 15.95
C PHE B 155 19.22 3.25 16.32
N LYS B 156 19.19 2.64 17.51
CA LYS B 156 20.37 1.97 18.05
C LYS B 156 20.43 0.50 17.64
N ASN B 157 19.38 0.01 17.00
CA ASN B 157 19.34 -1.38 16.56
C ASN B 157 19.75 -1.51 15.09
N PHE B 158 19.29 -2.58 14.44
CA PHE B 158 19.68 -2.87 13.06
C PHE B 158 19.18 -1.82 12.07
N LEU B 159 18.18 -1.04 12.48
CA LEU B 159 17.61 -0.01 11.62
C LEU B 159 18.60 1.12 11.34
N GLY B 160 19.35 1.51 12.37
CA GLY B 160 20.31 2.59 12.24
C GLY B 160 19.65 3.92 11.87
N ARG B 161 20.32 4.69 11.02
CA ARG B 161 19.79 5.98 10.59
C ARG B 161 18.82 5.81 9.42
N GLN B 162 17.61 6.35 9.57
CA GLN B 162 16.59 6.25 8.53
C GLN B 162 15.91 7.59 8.27
N LYS B 163 15.52 7.79 7.01
CA LYS B 163 14.77 8.98 6.62
C LYS B 163 13.57 8.61 5.74
N PHE B 164 12.55 9.45 5.76
CA PHE B 164 11.50 9.36 4.76
C PHE B 164 10.85 10.73 4.53
N THR B 165 10.44 10.97 3.29
CA THR B 165 9.81 12.23 2.94
C THR B 165 8.41 12.00 2.37
N PHE B 166 7.40 12.51 3.07
CA PHE B 166 6.04 12.50 2.55
C PHE B 166 5.85 13.66 1.58
N VAL B 167 5.24 13.37 0.44
CA VAL B 167 4.88 14.39 -0.53
C VAL B 167 3.37 14.36 -0.74
N GLU B 168 2.75 15.53 -0.68
CA GLU B 168 1.30 15.68 -0.88
C GLU B 168 0.84 14.91 -2.13
N GLY B 169 -0.09 13.98 -1.93
CA GLY B 169 -0.58 13.14 -3.01
C GLY B 169 -0.20 11.69 -2.82
N ASN B 170 0.78 11.44 -1.93
CA ASN B 170 1.27 10.09 -1.67
C ASN B 170 0.94 9.62 -0.26
N GLU B 171 -0.27 9.92 0.21
CA GLU B 171 -0.67 9.57 1.57
C GLU B 171 -0.66 8.06 1.80
N GLU B 172 -0.85 7.28 0.74
CA GLU B 172 -0.89 5.83 0.88
C GLU B 172 0.47 5.25 1.25
N GLU B 173 1.50 6.09 1.21
CA GLU B 173 2.85 5.67 1.57
C GLU B 173 3.14 5.79 3.07
N ILE B 174 2.23 6.42 3.82
CA ILE B 174 2.44 6.56 5.26
C ILE B 174 1.26 6.14 6.14
N VAL B 175 0.07 5.99 5.56
CA VAL B 175 -1.12 5.71 6.35
C VAL B 175 -1.16 4.28 6.87
N LEU B 176 -0.21 3.46 6.41
CA LEU B 176 -0.16 2.05 6.82
C LEU B 176 0.97 1.79 7.81
N ALA B 177 1.77 2.81 8.10
CA ALA B 177 2.89 2.68 9.02
C ALA B 177 2.43 2.64 10.47
N ARG B 178 2.78 1.57 11.18
CA ARG B 178 2.33 1.36 12.55
C ARG B 178 3.15 2.10 13.58
N THR B 179 2.56 2.38 14.73
CA THR B 179 3.31 2.87 15.87
C THR B 179 4.29 1.78 16.27
N PHE B 180 5.36 2.14 16.96
CA PHE B 180 6.43 1.18 17.23
C PHE B 180 7.05 1.35 18.60
N ALA B 181 7.71 0.31 19.08
CA ALA B 181 8.42 0.34 20.35
C ALA B 181 9.54 -0.69 20.37
N PHE B 182 10.57 -0.42 21.16
CA PHE B 182 11.69 -1.34 21.30
C PHE B 182 11.51 -2.20 22.55
N ASP B 183 11.90 -3.46 22.46
CA ASP B 183 11.69 -4.41 23.55
C ASP B 183 12.37 -3.97 24.84
N TRP B 184 13.52 -3.32 24.73
CA TRP B 184 14.26 -2.88 25.92
C TRP B 184 13.64 -1.64 26.54
N GLU B 185 12.68 -1.03 25.85
CA GLU B 185 12.04 0.19 26.33
C GLU B 185 10.64 -0.06 26.88
N ILE B 186 9.99 -1.11 26.38
CA ILE B 186 8.63 -1.44 26.79
C ILE B 186 8.57 -1.73 28.28
N GLU B 187 9.66 -2.30 28.80
CA GLU B 187 9.75 -2.56 30.23
C GLU B 187 9.62 -1.25 31.03
N HIS B 188 10.25 -0.18 30.56
CA HIS B 188 10.21 1.11 31.24
C HIS B 188 8.89 1.84 30.99
N ILE B 189 8.36 1.71 29.78
CA ILE B 189 7.09 2.34 29.41
C ILE B 189 5.95 1.84 30.29
N LYS B 190 5.94 0.54 30.55
CA LYS B 190 4.90 -0.07 31.36
C LYS B 190 4.98 0.35 32.83
N LYS B 191 6.20 0.56 33.34
CA LYS B 191 6.38 1.04 34.71
C LYS B 191 5.75 2.41 34.91
N VAL B 192 5.88 3.27 33.91
CA VAL B 192 5.34 4.61 33.94
C VAL B 192 3.82 4.56 33.98
N GLY B 193 3.25 3.53 33.35
CA GLY B 193 1.80 3.38 33.29
C GLY B 193 1.27 3.57 31.89
N LEU B 194 2.14 3.43 30.91
CA LEU B 194 1.75 3.60 29.51
C LEU B 194 1.92 2.31 28.73
N GLY B 195 1.48 2.31 27.47
CA GLY B 195 1.58 1.14 26.61
C GLY B 195 0.79 -0.06 27.08
N LYS B 196 -0.23 0.17 27.91
CA LYS B 196 -1.00 -0.93 28.48
C LYS B 196 -1.80 -1.71 27.44
N GLY B 197 -2.16 -1.05 26.34
CA GLY B 197 -2.95 -1.68 25.29
C GLY B 197 -2.10 -2.29 24.20
N GLY B 198 -0.79 -2.26 24.38
CA GLY B 198 0.15 -2.71 23.37
C GLY B 198 0.16 -4.20 23.11
N SER B 199 0.21 -4.57 21.84
CA SER B 199 0.36 -5.96 21.42
C SER B 199 0.91 -6.01 20.00
N LEU B 200 1.21 -7.22 19.53
CA LEU B 200 1.74 -7.38 18.18
C LEU B 200 0.65 -7.08 17.14
N LYS B 201 -0.60 -7.00 17.59
CA LYS B 201 -1.72 -6.71 16.71
C LYS B 201 -1.86 -5.21 16.42
N ASN B 202 -1.17 -4.37 17.20
CA ASN B 202 -1.28 -2.94 16.99
C ASN B 202 0.05 -2.19 17.13
N THR B 203 1.13 -2.93 17.32
CA THR B 203 2.43 -2.31 17.51
C THR B 203 3.56 -3.06 16.81
N LEU B 204 4.37 -2.32 16.06
CA LEU B 204 5.62 -2.86 15.54
C LEU B 204 6.64 -2.93 16.68
N VAL B 205 6.94 -4.14 17.14
CA VAL B 205 7.86 -4.29 18.26
C VAL B 205 9.24 -4.69 17.78
N LEU B 206 10.23 -3.86 18.06
CA LEU B 206 11.56 -4.01 17.51
C LEU B 206 12.56 -4.55 18.54
N GLY B 207 13.45 -5.41 18.08
CA GLY B 207 14.49 -5.95 18.92
C GLY B 207 15.85 -5.49 18.45
N LYS B 208 16.89 -5.94 19.13
CA LYS B 208 18.27 -5.57 18.81
C LYS B 208 18.59 -5.87 17.35
N ASP B 209 18.26 -7.06 16.89
CA ASP B 209 18.57 -7.47 15.53
C ASP B 209 17.40 -8.16 14.85
N LYS B 210 16.17 -7.86 15.26
CA LYS B 210 15.01 -8.48 14.64
C LYS B 210 13.70 -7.75 14.91
N VAL B 211 12.65 -8.23 14.25
CA VAL B 211 11.29 -7.75 14.45
C VAL B 211 10.47 -8.86 15.08
N TYR B 212 9.76 -8.57 16.16
CA TYR B 212 8.98 -9.58 16.86
C TYR B 212 7.73 -9.99 16.08
N ASN B 213 7.13 -9.02 15.38
CA ASN B 213 5.97 -9.28 14.55
C ASN B 213 6.29 -10.33 13.49
N PRO B 214 5.55 -11.46 13.49
CA PRO B 214 5.83 -12.58 12.58
C PRO B 214 5.79 -12.18 11.10
N GLU B 215 4.94 -11.22 10.75
CA GLU B 215 4.82 -10.77 9.37
C GLU B 215 5.91 -9.76 9.01
N GLY B 216 6.67 -9.33 10.01
CA GLY B 216 7.78 -8.43 9.78
C GLY B 216 7.39 -6.98 9.56
N LEU B 217 8.26 -6.23 8.89
CA LEU B 217 8.05 -4.82 8.63
C LEU B 217 7.07 -4.58 7.48
N ARG B 218 6.33 -3.46 7.56
CA ARG B 218 5.48 -3.04 6.46
C ARG B 218 6.27 -2.15 5.49
N TYR B 219 7.35 -1.57 5.99
CA TYR B 219 8.30 -0.81 5.18
C TYR B 219 9.70 -1.04 5.75
N GLU B 220 10.71 -0.87 4.91
CA GLU B 220 12.09 -0.95 5.39
C GLU B 220 12.34 0.11 6.45
N ASN B 221 11.67 1.25 6.30
CA ASN B 221 11.79 2.34 7.26
C ASN B 221 10.43 2.71 7.87
N GLU B 222 9.67 1.70 8.26
CA GLU B 222 8.35 1.90 8.84
C GLU B 222 8.32 2.86 10.05
N PRO B 223 9.29 2.76 10.97
CA PRO B 223 9.23 3.68 12.11
C PRO B 223 9.25 5.17 11.75
N VAL B 224 10.13 5.58 10.84
CA VAL B 224 10.21 7.00 10.50
C VAL B 224 9.02 7.43 9.65
N ARG B 225 8.45 6.50 8.89
CA ARG B 225 7.22 6.79 8.17
C ARG B 225 6.08 7.09 9.13
N HIS B 226 6.04 6.34 10.24
CA HIS B 226 5.01 6.59 11.25
C HIS B 226 5.26 7.91 11.96
N LYS B 227 6.53 8.25 12.16
CA LYS B 227 6.90 9.54 12.77
C LYS B 227 6.44 10.71 11.90
N VAL B 228 6.54 10.55 10.59
CA VAL B 228 6.01 11.54 9.65
C VAL B 228 4.50 11.64 9.81
N PHE B 229 3.85 10.49 9.88
CA PHE B 229 2.41 10.39 10.09
C PHE B 229 1.99 11.11 11.38
N ASP B 230 2.75 10.90 12.45
CA ASP B 230 2.50 11.58 13.73
C ASP B 230 2.57 13.11 13.59
N LEU B 231 3.62 13.59 12.93
CA LEU B 231 3.86 15.02 12.80
C LEU B 231 2.73 15.70 12.02
N ILE B 232 2.24 15.01 10.99
CA ILE B 232 1.13 15.53 10.20
C ILE B 232 -0.14 15.63 11.04
N GLY B 233 -0.31 14.69 11.97
CA GLY B 233 -1.40 14.78 12.93
C GLY B 233 -1.27 15.96 13.86
N ASP B 234 -0.06 16.15 14.40
CA ASP B 234 0.19 17.23 15.34
C ASP B 234 0.12 18.60 14.64
N LEU B 235 0.53 18.65 13.37
CA LEU B 235 0.45 19.89 12.60
C LEU B 235 -0.99 20.36 12.41
N TYR B 236 -1.92 19.41 12.44
CA TYR B 236 -3.33 19.72 12.25
C TYR B 236 -3.89 20.56 13.40
N LEU B 237 -3.16 20.61 14.51
CA LEU B 237 -3.56 21.41 15.66
C LEU B 237 -3.47 22.92 15.37
N LEU B 238 -2.98 23.26 14.18
CA LEU B 238 -2.99 24.65 13.73
C LEU B 238 -4.42 25.09 13.39
N GLY B 239 -5.32 24.12 13.24
CA GLY B 239 -6.73 24.41 13.03
C GLY B 239 -7.15 24.42 11.58
N SER B 240 -6.19 24.22 10.69
CA SER B 240 -6.44 24.19 9.26
C SER B 240 -5.42 23.30 8.56
N PRO B 241 -5.78 22.76 7.39
CA PRO B 241 -4.80 22.02 6.58
C PRO B 241 -3.58 22.89 6.30
N VAL B 242 -2.39 22.32 6.44
CA VAL B 242 -1.16 23.08 6.41
C VAL B 242 -0.44 22.96 5.07
N LYS B 243 0.07 24.09 4.58
CA LYS B 243 0.94 24.10 3.41
C LYS B 243 2.33 24.56 3.82
N GLY B 244 3.30 23.65 3.75
CA GLY B 244 4.67 23.97 4.10
C GLY B 244 5.57 22.76 3.95
N LYS B 245 6.88 23.01 3.91
CA LYS B 245 7.84 21.91 3.85
C LYS B 245 8.55 21.78 5.19
N PHE B 246 8.53 20.57 5.74
CA PHE B 246 9.02 20.34 7.09
C PHE B 246 10.14 19.30 7.11
N TYR B 247 11.11 19.53 7.98
CA TYR B 247 12.17 18.55 8.22
C TYR B 247 12.33 18.34 9.72
N SER B 248 11.96 17.16 10.19
CA SER B 248 12.06 16.84 11.60
C SER B 248 13.28 15.97 11.87
N PHE B 249 14.17 16.46 12.72
CA PHE B 249 15.34 15.67 13.13
C PHE B 249 15.12 15.10 14.52
N ARG B 250 14.74 13.82 14.56
CA ARG B 250 14.49 13.09 15.80
C ARG B 250 13.41 13.74 16.66
N GLY B 251 12.45 14.39 16.01
CA GLY B 251 11.39 15.09 16.70
C GLY B 251 10.36 14.18 17.35
N GLY B 252 9.54 14.76 18.21
CA GLY B 252 8.47 14.05 18.87
C GLY B 252 7.29 14.98 19.11
N HIS B 253 6.29 14.51 19.84
CA HIS B 253 5.06 15.26 20.04
C HIS B 253 5.26 16.63 20.69
N SER B 254 6.12 16.71 21.70
CA SER B 254 6.33 17.98 22.39
C SER B 254 6.96 19.00 21.45
N LEU B 255 7.90 18.56 20.63
CA LEU B 255 8.55 19.46 19.68
C LEU B 255 7.61 19.82 18.54
N ASN B 256 6.79 18.86 18.12
CA ASN B 256 5.77 19.11 17.10
C ASN B 256 4.81 20.21 17.55
N VAL B 257 4.34 20.09 18.78
CA VAL B 257 3.42 21.06 19.35
C VAL B 257 4.10 22.41 19.56
N LYS B 258 5.38 22.36 19.93
CA LYS B 258 6.17 23.59 20.09
C LYS B 258 6.23 24.35 18.78
N LEU B 259 6.45 23.64 17.68
CA LEU B 259 6.48 24.23 16.36
C LEU B 259 5.14 24.87 16.02
N VAL B 260 4.07 24.12 16.22
CA VAL B 260 2.71 24.59 15.98
C VAL B 260 2.43 25.87 16.74
N LYS B 261 2.78 25.89 18.02
CA LYS B 261 2.55 27.07 18.85
C LYS B 261 3.35 28.27 18.38
N GLU B 262 4.59 28.04 17.96
CA GLU B 262 5.43 29.12 17.44
C GLU B 262 4.85 29.66 16.13
N LEU B 263 4.41 28.77 15.25
CA LEU B 263 3.81 29.18 13.99
C LEU B 263 2.52 29.95 14.21
N ALA B 264 1.67 29.44 15.11
CA ALA B 264 0.42 30.10 15.43
C ALA B 264 0.66 31.48 16.03
N LYS B 265 1.73 31.60 16.81
CA LYS B 265 2.06 32.86 17.48
C LYS B 265 2.49 33.93 16.47
N LYS B 266 3.21 33.52 15.44
CA LYS B 266 3.74 34.48 14.47
C LYS B 266 2.73 34.87 13.41
N GLN B 267 1.88 33.93 13.01
CA GLN B 267 0.92 34.19 11.93
C GLN B 267 -0.48 34.46 12.45
N LYS B 268 -0.56 35.14 13.60
N LYS B 268 -0.57 35.13 13.60
CA LYS B 268 -1.85 35.48 14.20
CA LYS B 268 -1.85 35.48 14.20
C LYS B 268 -1.68 36.59 15.23
C LYS B 268 -1.69 36.59 15.24
#